data_6NVQ
#
_entry.id   6NVQ
#
_cell.length_a   70.453
_cell.length_b   128.929
_cell.length_c   45.222
_cell.angle_alpha   90.00
_cell.angle_beta   90.00
_cell.angle_gamma   90.00
#
_symmetry.space_group_name_H-M   'P 21 21 2'
#
loop_
_entity.id
_entity.type
_entity.pdbx_description
1 polymer 'Tubulinyl-Tyr carboxypeptidase 1'
2 polymer 'Small vasohibin-binding protein'
3 non-polymer GLYCEROL
4 water water
#
loop_
_entity_poly.entity_id
_entity_poly.type
_entity_poly.pdbx_seq_one_letter_code
_entity_poly.pdbx_strand_id
1 'polypeptide(L)'
;MPGGKKVAGGGSSGATPTSAAATAPSGVRRLETSEGTSAQRDEEPEEEGEEDLRDGGVPFFVNRGGLPVDEATWERMWKH
VAKIHPDGEKVAQRIRGATDLPKIPIPSVPTFQPSTPVPERLEAVQRYIRELQYNHTGTQFFEIKKSRPLTGLMDLAKEM
TKEALPIKALEAVILGIYLTNSMPTLERFPISFKTYFSGNYFRHIVLGVNFAGRYGALGMSRREDLMYKPPAFRTLSELV
LDFEAAYGRCWHVLKKVKLGQSVSHDPHSVEQIEWKHSVLDVERLGRDDFRKELERHARDMRLKIGKGTGPPSPTDVLFQ
;
C
2 'polypeptide(L)' MDPPARKEKTKVKESVSRVEKAKQKSAQQELKQRQRAEIYALNRVMTELEQQQFDEFCKQMQPPGEDVLFQ B
#
loop_
_chem_comp.id
_chem_comp.type
_chem_comp.name
_chem_comp.formula
GOL non-polymer GLYCEROL 'C3 H8 O3'
#
# COMPACT_ATOMS: atom_id res chain seq x y z
N PHE A 61 12.98 -3.71 8.19
CA PHE A 61 12.65 -4.93 9.01
C PHE A 61 11.22 -5.39 8.71
N VAL A 62 11.03 -6.70 8.56
CA VAL A 62 9.74 -7.37 8.20
C VAL A 62 9.42 -8.42 9.27
N ASN A 63 8.21 -8.39 9.83
CA ASN A 63 7.68 -9.47 10.70
C ASN A 63 7.41 -10.71 9.83
N ARG A 64 8.11 -11.82 10.13
CA ARG A 64 8.11 -13.08 9.32
C ARG A 64 7.48 -14.24 10.10
N GLY A 65 6.92 -13.98 11.30
CA GLY A 65 6.28 -15.00 12.16
C GLY A 65 4.85 -14.67 12.53
N GLY A 66 4.14 -13.91 11.68
CA GLY A 66 2.72 -13.55 11.86
C GLY A 66 2.48 -12.82 13.19
N LEU A 67 1.24 -12.89 13.70
CA LEU A 67 0.78 -12.13 14.90
C LEU A 67 0.17 -13.08 15.94
N PRO A 68 0.34 -12.80 17.26
CA PRO A 68 1.03 -11.59 17.71
C PRO A 68 2.51 -11.61 17.33
N VAL A 69 3.13 -10.43 17.23
CA VAL A 69 4.59 -10.32 16.89
C VAL A 69 5.37 -11.11 17.94
N ASP A 70 6.24 -12.04 17.51
CA ASP A 70 7.08 -12.84 18.43
C ASP A 70 7.96 -11.89 19.25
N GLU A 71 8.59 -12.41 20.30
CA GLU A 71 9.39 -11.64 21.30
C GLU A 71 10.61 -10.99 20.62
N ALA A 72 11.24 -11.70 19.68
CA ALA A 72 12.50 -11.28 19.01
C ALA A 72 12.24 -10.12 18.05
N THR A 73 11.21 -10.25 17.20
CA THR A 73 10.79 -9.21 16.22
C THR A 73 10.38 -7.93 16.97
N TRP A 74 9.78 -8.09 18.15
CA TRP A 74 9.26 -7.01 19.02
C TRP A 74 10.41 -6.20 19.62
N GLU A 75 11.43 -6.87 20.19
CA GLU A 75 12.65 -6.23 20.73
C GLU A 75 13.38 -5.50 19.60
N ARG A 76 13.52 -6.16 18.44
CA ARG A 76 14.18 -5.61 17.24
C ARG A 76 13.49 -4.29 16.85
N MET A 77 12.15 -4.28 16.77
CA MET A 77 11.36 -3.05 16.48
C MET A 77 11.75 -1.94 17.45
N TRP A 78 11.82 -2.24 18.74
CA TRP A 78 12.12 -1.25 19.82
C TRP A 78 13.62 -0.89 19.82
N LYS A 79 14.50 -1.81 19.42
CA LYS A 79 15.95 -1.52 19.21
C LYS A 79 16.08 -0.50 18.07
N HIS A 80 15.38 -0.73 16.97
CA HIS A 80 15.39 0.13 15.75
C HIS A 80 14.91 1.54 16.09
N VAL A 81 13.85 1.65 16.90
CA VAL A 81 13.29 2.96 17.37
C VAL A 81 14.37 3.70 18.19
N ALA A 82 15.12 2.97 19.03
CA ALA A 82 16.14 3.52 19.96
C ALA A 82 17.23 4.29 19.18
N LYS A 83 17.55 3.83 17.97
CA LYS A 83 18.65 4.39 17.12
C LYS A 83 18.11 5.52 16.23
N ILE A 84 16.88 5.37 15.71
CA ILE A 84 16.26 6.28 14.70
C ILE A 84 15.79 7.58 15.38
N HIS A 85 15.02 7.47 16.47
CA HIS A 85 14.43 8.63 17.19
C HIS A 85 15.47 9.23 18.13
N PRO A 86 15.68 10.58 18.11
CA PRO A 86 16.65 11.22 19.00
C PRO A 86 16.52 10.81 20.48
N ASP A 87 15.28 10.65 20.97
CA ASP A 87 14.95 10.25 22.37
C ASP A 87 14.47 8.79 22.36
N GLY A 88 15.05 7.95 21.51
CA GLY A 88 14.56 6.60 21.20
C GLY A 88 14.24 5.78 22.43
N GLU A 89 15.14 5.77 23.42
CA GLU A 89 15.02 4.96 24.67
C GLU A 89 13.88 5.54 25.53
N LYS A 90 13.74 6.86 25.59
CA LYS A 90 12.67 7.56 26.34
C LYS A 90 11.30 7.22 25.73
N VAL A 91 11.23 7.04 24.40
CA VAL A 91 9.97 6.69 23.67
C VAL A 91 9.51 5.30 24.15
N ALA A 92 10.42 4.33 24.14
CA ALA A 92 10.20 2.94 24.64
C ALA A 92 9.80 2.97 26.11
N GLN A 93 10.48 3.78 26.93
CA GLN A 93 10.21 3.94 28.38
C GLN A 93 8.77 4.42 28.59
N ARG A 94 8.35 5.43 27.82
CA ARG A 94 7.00 6.07 27.94
C ARG A 94 5.91 5.07 27.52
N ILE A 95 6.14 4.27 26.48
CA ILE A 95 5.09 3.48 25.79
C ILE A 95 5.07 2.04 26.32
N ARG A 96 6.21 1.34 26.34
CA ARG A 96 6.27 -0.11 26.64
C ARG A 96 5.69 -0.36 28.04
N GLY A 97 4.63 -1.17 28.11
CA GLY A 97 3.94 -1.53 29.36
C GLY A 97 3.03 -0.44 29.90
N ALA A 98 2.90 0.72 29.23
CA ALA A 98 2.01 1.83 29.65
C ALA A 98 0.56 1.31 29.71
N THR A 99 -0.16 1.64 30.79
CA THR A 99 -1.53 1.15 31.07
C THR A 99 -2.58 2.20 30.69
N ASP A 100 -2.17 3.34 30.11
CA ASP A 100 -3.05 4.51 29.84
C ASP A 100 -3.01 4.88 28.35
N LEU A 101 -2.67 3.94 27.47
CA LEU A 101 -2.59 4.17 26.00
C LEU A 101 -4.00 4.27 25.42
N PRO A 102 -4.22 5.08 24.36
CA PRO A 102 -5.49 5.10 23.67
C PRO A 102 -5.89 3.70 23.16
N LYS A 103 -7.16 3.33 23.35
CA LYS A 103 -7.81 2.21 22.62
C LYS A 103 -8.08 2.69 21.20
N ILE A 104 -7.51 2.02 20.21
CA ILE A 104 -7.71 2.33 18.77
C ILE A 104 -8.92 1.51 18.32
N PRO A 105 -9.96 2.13 17.75
CA PRO A 105 -11.07 1.39 17.16
C PRO A 105 -10.56 0.53 16.00
N ILE A 106 -11.03 -0.72 15.89
CA ILE A 106 -10.83 -1.55 14.67
C ILE A 106 -11.64 -0.87 13.56
N PRO A 107 -11.01 -0.36 12.48
CA PRO A 107 -11.77 0.26 11.39
C PRO A 107 -12.75 -0.76 10.80
N SER A 108 -13.95 -0.31 10.43
CA SER A 108 -15.01 -1.14 9.79
C SER A 108 -14.63 -1.36 8.33
N VAL A 109 -14.55 -2.61 7.88
CA VAL A 109 -14.40 -2.92 6.43
C VAL A 109 -15.64 -2.37 5.74
N PRO A 110 -15.50 -1.52 4.70
CA PRO A 110 -16.66 -0.94 4.04
C PRO A 110 -17.41 -2.02 3.23
N THR A 111 -18.74 -2.00 3.30
CA THR A 111 -19.65 -2.85 2.48
C THR A 111 -20.54 -1.92 1.66
N PHE A 112 -20.99 -2.35 0.49
CA PHE A 112 -21.60 -1.46 -0.53
C PHE A 112 -22.99 -1.96 -0.91
N GLN A 113 -23.96 -1.04 -0.86
CA GLN A 113 -25.26 -1.17 -1.55
C GLN A 113 -24.99 -1.42 -3.04
N PRO A 114 -25.78 -2.27 -3.72
CA PRO A 114 -25.65 -2.44 -5.17
C PRO A 114 -26.03 -1.19 -5.97
N SER A 115 -26.67 -0.22 -5.33
CA SER A 115 -27.04 1.09 -5.94
C SER A 115 -25.87 2.08 -5.93
N THR A 116 -24.77 1.81 -5.20
CA THR A 116 -23.65 2.78 -5.02
C THR A 116 -22.75 2.72 -6.25
N PRO A 117 -22.53 3.84 -7.00
CA PRO A 117 -21.60 3.81 -8.12
C PRO A 117 -20.17 3.40 -7.69
N VAL A 118 -19.46 2.69 -8.57
CA VAL A 118 -18.09 2.17 -8.33
C VAL A 118 -17.16 3.29 -7.85
N PRO A 119 -17.14 4.49 -8.49
CA PRO A 119 -16.26 5.57 -8.03
C PRO A 119 -16.46 5.94 -6.54
N GLU A 120 -17.71 5.96 -6.07
CA GLU A 120 -18.05 6.22 -4.64
C GLU A 120 -17.52 5.07 -3.76
N ARG A 121 -17.61 3.82 -4.22
CA ARG A 121 -17.12 2.65 -3.46
C ARG A 121 -15.59 2.76 -3.27
N LEU A 122 -14.89 3.16 -4.33
CA LEU A 122 -13.41 3.35 -4.34
C LEU A 122 -13.02 4.41 -3.30
N GLU A 123 -13.77 5.50 -3.19
CA GLU A 123 -13.54 6.55 -2.15
C GLU A 123 -13.56 5.89 -0.78
N ALA A 124 -14.55 5.04 -0.51
CA ALA A 124 -14.73 4.36 0.80
C ALA A 124 -13.58 3.38 1.01
N VAL A 125 -13.16 2.66 -0.03
CA VAL A 125 -12.02 1.69 0.02
C VAL A 125 -10.74 2.46 0.38
N GLN A 126 -10.47 3.58 -0.29
CA GLN A 126 -9.27 4.42 0.00
C GLN A 126 -9.34 4.95 1.44
N ARG A 127 -10.49 5.44 1.90
CA ARG A 127 -10.66 5.94 3.29
C ARG A 127 -10.32 4.82 4.28
N TYR A 128 -10.78 3.59 4.05
CA TYR A 128 -10.49 2.43 4.92
C TYR A 128 -8.97 2.20 4.98
N ILE A 129 -8.31 2.20 3.81
CA ILE A 129 -6.85 1.96 3.67
C ILE A 129 -6.09 3.05 4.46
N ARG A 130 -6.47 4.32 4.27
CA ARG A 130 -5.85 5.49 4.98
C ARG A 130 -6.05 5.35 6.49
N GLU A 131 -7.19 4.86 6.94
CA GLU A 131 -7.56 4.76 8.38
C GLU A 131 -6.58 3.83 9.13
N LEU A 132 -6.02 2.82 8.46
CA LEU A 132 -5.00 1.91 9.08
C LEU A 132 -3.72 2.70 9.40
N GLN A 133 -3.47 3.82 8.70
CA GLN A 133 -2.32 4.75 8.87
CA GLN A 133 -2.31 4.74 8.89
C GLN A 133 -1.08 4.17 8.19
N TYR A 134 -0.25 5.03 7.59
CA TYR A 134 1.07 4.66 7.01
C TYR A 134 1.97 4.13 8.14
N ASN A 135 2.67 3.02 7.89
CA ASN A 135 3.54 2.36 8.90
C ASN A 135 4.91 3.07 8.93
N HIS A 136 5.15 3.87 9.97
CA HIS A 136 6.41 4.65 10.18
C HIS A 136 7.26 3.98 11.26
N THR A 137 6.83 2.82 11.78
CA THR A 137 7.49 2.15 12.94
C THR A 137 8.86 1.59 12.53
N GLY A 138 9.09 1.35 11.23
CA GLY A 138 10.29 0.67 10.71
C GLY A 138 10.16 -0.85 10.73
N THR A 139 9.02 -1.38 11.17
CA THR A 139 8.71 -2.84 11.15
C THR A 139 7.41 -3.05 10.36
N GLN A 140 7.52 -3.71 9.20
CA GLN A 140 6.37 -4.21 8.41
C GLN A 140 5.79 -5.43 9.14
N PHE A 141 4.50 -5.40 9.44
CA PHE A 141 3.82 -6.38 10.35
C PHE A 141 3.32 -7.60 9.56
N PHE A 142 3.25 -7.50 8.23
CA PHE A 142 2.81 -8.57 7.30
C PHE A 142 3.87 -8.78 6.22
N GLU A 143 4.39 -10.01 6.10
CA GLU A 143 5.29 -10.45 5.00
C GLU A 143 4.44 -10.64 3.73
N ILE A 144 4.75 -9.92 2.66
CA ILE A 144 4.11 -10.11 1.32
C ILE A 144 5.12 -10.78 0.39
N LYS A 145 4.96 -12.09 0.13
CA LYS A 145 5.70 -12.83 -0.92
C LYS A 145 4.94 -12.63 -2.24
N LYS A 146 5.51 -11.85 -3.16
CA LYS A 146 4.80 -11.31 -4.35
C LYS A 146 4.43 -12.43 -5.33
N SER A 147 5.15 -13.56 -5.30
CA SER A 147 4.94 -14.74 -6.19
C SER A 147 3.88 -15.70 -5.63
N ARG A 148 3.34 -15.46 -4.43
CA ARG A 148 2.31 -16.35 -3.80
C ARG A 148 1.06 -16.39 -4.68
N PRO A 149 0.33 -17.53 -4.71
CA PRO A 149 -1.00 -17.58 -5.33
C PRO A 149 -1.89 -16.46 -4.79
N LEU A 150 -2.76 -15.92 -5.64
CA LEU A 150 -3.72 -14.85 -5.28
C LEU A 150 -4.49 -15.27 -4.02
N THR A 151 -4.91 -16.53 -3.94
CA THR A 151 -5.70 -17.07 -2.81
C THR A 151 -4.92 -16.89 -1.49
N GLY A 152 -3.61 -17.16 -1.49
CA GLY A 152 -2.73 -16.90 -0.32
C GLY A 152 -2.68 -15.42 0.04
N LEU A 153 -2.51 -14.55 -0.95
CA LEU A 153 -2.41 -13.07 -0.76
C LEU A 153 -3.74 -12.52 -0.22
N MET A 154 -4.87 -13.07 -0.66
CA MET A 154 -6.22 -12.62 -0.20
C MET A 154 -6.49 -13.16 1.20
N ASP A 155 -5.92 -14.30 1.58
CA ASP A 155 -5.91 -14.77 3.00
C ASP A 155 -5.21 -13.71 3.87
N LEU A 156 -4.09 -13.17 3.38
CA LEU A 156 -3.27 -12.16 4.08
C LEU A 156 -4.06 -10.85 4.19
N ALA A 157 -4.68 -10.40 3.10
CA ALA A 157 -5.59 -9.23 3.04
C ALA A 157 -6.66 -9.36 4.15
N LYS A 158 -7.32 -10.51 4.24
CA LYS A 158 -8.36 -10.75 5.28
C LYS A 158 -7.74 -10.54 6.67
N GLU A 159 -6.58 -11.14 6.96
CA GLU A 159 -5.93 -11.03 8.29
C GLU A 159 -5.55 -9.57 8.55
N MET A 160 -5.18 -8.81 7.50
CA MET A 160 -4.89 -7.36 7.63
C MET A 160 -6.15 -6.63 8.13
N THR A 161 -7.35 -7.00 7.64
CA THR A 161 -8.63 -6.34 8.02
C THR A 161 -9.02 -6.73 9.44
N LYS A 162 -8.61 -7.90 9.93
CA LYS A 162 -8.99 -8.39 11.28
C LYS A 162 -8.04 -7.83 12.34
N GLU A 163 -6.74 -7.71 12.04
CA GLU A 163 -5.70 -7.30 13.02
C GLU A 163 -5.54 -5.76 13.00
N ALA A 164 -5.76 -5.12 11.86
CA ALA A 164 -5.87 -3.64 11.70
C ALA A 164 -4.62 -2.96 12.27
N LEU A 165 -3.48 -3.16 11.61
CA LEU A 165 -2.18 -2.54 11.96
C LEU A 165 -1.81 -1.57 10.85
N PRO A 166 -0.86 -0.64 11.10
CA PRO A 166 -0.37 0.26 10.05
C PRO A 166 0.25 -0.54 8.89
N ILE A 167 0.23 0.04 7.69
CA ILE A 167 0.65 -0.64 6.43
C ILE A 167 1.44 0.34 5.56
N LYS A 168 2.12 -0.18 4.54
CA LYS A 168 2.88 0.58 3.52
C LYS A 168 2.29 0.25 2.15
N ALA A 169 2.99 0.62 1.07
CA ALA A 169 2.44 0.65 -0.30
C ALA A 169 2.01 -0.75 -0.76
N LEU A 170 2.84 -1.78 -0.55
CA LEU A 170 2.62 -3.13 -1.12
C LEU A 170 1.40 -3.76 -0.43
N GLU A 171 1.32 -3.64 0.90
CA GLU A 171 0.17 -4.12 1.70
C GLU A 171 -1.12 -3.46 1.20
N ALA A 172 -1.08 -2.17 0.90
CA ALA A 172 -2.27 -1.41 0.46
C ALA A 172 -2.75 -1.97 -0.88
N VAL A 173 -1.82 -2.37 -1.75
CA VAL A 173 -2.13 -2.94 -3.10
C VAL A 173 -2.91 -4.24 -2.93
N ILE A 174 -2.47 -5.11 -2.01
CA ILE A 174 -3.10 -6.42 -1.70
C ILE A 174 -4.51 -6.16 -1.15
N LEU A 175 -4.62 -5.24 -0.18
CA LEU A 175 -5.91 -4.82 0.42
C LEU A 175 -6.86 -4.31 -0.66
N GLY A 176 -6.35 -3.47 -1.57
CA GLY A 176 -7.13 -2.84 -2.65
C GLY A 176 -7.76 -3.89 -3.55
N ILE A 177 -7.00 -4.92 -3.92
CA ILE A 177 -7.50 -6.07 -4.72
C ILE A 177 -8.63 -6.76 -3.93
N TYR A 178 -8.36 -7.10 -2.67
CA TYR A 178 -9.27 -7.82 -1.75
C TYR A 178 -10.61 -7.08 -1.64
N LEU A 179 -10.58 -5.74 -1.49
CA LEU A 179 -11.79 -4.92 -1.23
C LEU A 179 -12.50 -4.52 -2.53
N THR A 180 -11.94 -4.85 -3.70
CA THR A 180 -12.55 -4.54 -5.03
C THR A 180 -12.85 -5.81 -5.82
N ASN A 181 -12.67 -7.00 -5.22
CA ASN A 181 -13.05 -8.29 -5.86
C ASN A 181 -14.57 -8.36 -6.06
N SER A 182 -15.34 -7.54 -5.33
CA SER A 182 -16.82 -7.44 -5.42
C SER A 182 -17.25 -6.54 -6.58
N MET A 183 -16.29 -6.02 -7.38
CA MET A 183 -16.54 -4.99 -8.41
C MET A 183 -16.03 -5.49 -9.76
N PRO A 184 -16.73 -6.47 -10.39
CA PRO A 184 -16.27 -7.04 -11.66
C PRO A 184 -16.20 -6.04 -12.82
N THR A 185 -16.87 -4.87 -12.71
CA THR A 185 -16.82 -3.80 -13.75
C THR A 185 -15.61 -2.89 -13.50
N LEU A 186 -14.79 -3.17 -12.49
CA LEU A 186 -13.51 -2.49 -12.22
C LEU A 186 -12.36 -3.43 -12.56
N GLU A 187 -11.44 -3.01 -13.42
CA GLU A 187 -10.17 -3.77 -13.66
C GLU A 187 -9.11 -3.21 -12.72
N ARG A 188 -8.30 -4.08 -12.13
CA ARG A 188 -7.25 -3.72 -11.15
C ARG A 188 -5.91 -4.27 -11.68
N PHE A 189 -4.86 -3.44 -11.67
CA PHE A 189 -3.51 -3.83 -12.14
C PHE A 189 -2.48 -3.02 -11.38
N PRO A 190 -1.40 -3.66 -10.86
CA PRO A 190 -0.37 -2.94 -10.13
C PRO A 190 0.46 -2.05 -11.06
N ILE A 191 0.86 -0.88 -10.54
CA ILE A 191 1.83 0.05 -11.19
C ILE A 191 2.94 0.31 -10.17
N SER A 192 4.15 -0.15 -10.48
CA SER A 192 5.38 0.04 -9.68
C SER A 192 6.22 1.15 -10.31
N PHE A 193 6.93 1.90 -9.46
CA PHE A 193 7.82 3.03 -9.85
C PHE A 193 9.20 2.75 -9.29
N LYS A 194 10.23 3.03 -10.09
CA LYS A 194 11.62 3.22 -9.61
C LYS A 194 11.97 4.68 -9.87
N THR A 195 12.36 5.42 -8.83
CA THR A 195 12.77 6.83 -8.91
C THR A 195 14.18 7.01 -8.35
N TYR A 196 14.81 8.13 -8.69
CA TYR A 196 16.16 8.54 -8.24
C TYR A 196 16.03 9.89 -7.54
N PHE A 197 16.60 10.00 -6.33
CA PHE A 197 16.82 11.28 -5.62
C PHE A 197 18.13 11.21 -4.83
N SER A 198 18.99 12.22 -5.02
CA SER A 198 20.22 12.47 -4.23
C SER A 198 21.07 11.19 -4.17
N GLY A 199 21.38 10.62 -5.33
CA GLY A 199 22.28 9.46 -5.48
C GLY A 199 21.67 8.15 -5.00
N ASN A 200 20.36 8.10 -4.71
CA ASN A 200 19.71 6.89 -4.14
C ASN A 200 18.48 6.52 -4.98
N TYR A 201 18.20 5.23 -5.10
CA TYR A 201 17.02 4.67 -5.81
C TYR A 201 15.91 4.39 -4.79
N PHE A 202 14.67 4.65 -5.19
CA PHE A 202 13.44 4.50 -4.38
C PHE A 202 12.44 3.67 -5.19
N ARG A 203 11.68 2.84 -4.49
CA ARG A 203 10.63 1.97 -5.09
C ARG A 203 9.29 2.28 -4.44
N HIS A 204 8.24 2.33 -5.26
CA HIS A 204 6.86 2.58 -4.80
C HIS A 204 5.92 1.72 -5.66
N ILE A 205 4.71 1.47 -5.19
CA ILE A 205 3.69 0.72 -5.96
C ILE A 205 2.30 1.23 -5.57
N VAL A 206 1.38 1.22 -6.53
CA VAL A 206 -0.05 1.52 -6.32
C VAL A 206 -0.87 0.50 -7.10
N LEU A 207 -2.18 0.48 -6.84
CA LEU A 207 -3.14 -0.35 -7.60
C LEU A 207 -3.79 0.56 -8.64
N GLY A 208 -3.34 0.47 -9.89
CA GLY A 208 -4.06 1.07 -11.03
C GLY A 208 -5.45 0.46 -11.11
N VAL A 209 -6.46 1.30 -11.37
CA VAL A 209 -7.85 0.86 -11.64
C VAL A 209 -8.34 1.48 -12.95
N ASN A 210 -9.25 0.76 -13.61
CA ASN A 210 -9.95 1.16 -14.84
C ASN A 210 -11.45 0.95 -14.58
N PHE A 211 -12.23 2.04 -14.61
CA PHE A 211 -13.71 2.00 -14.56
C PHE A 211 -14.25 2.82 -15.72
N ALA A 212 -15.10 2.20 -16.55
CA ALA A 212 -15.83 2.84 -17.66
C ALA A 212 -14.84 3.56 -18.59
N GLY A 213 -13.67 2.94 -18.84
CA GLY A 213 -12.65 3.41 -19.79
C GLY A 213 -11.82 4.57 -19.26
N ARG A 214 -11.88 4.83 -17.95
CA ARG A 214 -11.12 5.92 -17.27
C ARG A 214 -10.23 5.30 -16.19
N TYR A 215 -9.04 5.86 -15.96
CA TYR A 215 -7.97 5.27 -15.11
C TYR A 215 -7.84 6.09 -13.82
N GLY A 216 -7.67 5.36 -12.72
CA GLY A 216 -7.44 5.89 -11.36
C GLY A 216 -6.44 5.01 -10.64
N ALA A 217 -6.33 5.18 -9.32
CA ALA A 217 -5.39 4.39 -8.49
C ALA A 217 -5.87 4.38 -7.04
N LEU A 218 -5.60 3.27 -6.35
CA LEU A 218 -5.67 3.15 -4.88
C LEU A 218 -4.24 2.92 -4.38
N GLY A 219 -3.95 3.27 -3.14
CA GLY A 219 -2.64 2.93 -2.56
C GLY A 219 -2.40 3.65 -1.26
N MET A 220 -1.20 3.45 -0.73
CA MET A 220 -0.73 4.04 0.53
C MET A 220 0.66 4.62 0.26
N SER A 221 0.91 5.87 0.69
CA SER A 221 2.18 6.58 0.50
C SER A 221 2.34 7.61 1.61
N ARG A 222 3.59 8.04 1.85
CA ARG A 222 3.95 9.21 2.69
C ARG A 222 3.27 10.47 2.14
N ARG A 223 3.14 10.57 0.81
CA ARG A 223 2.68 11.80 0.10
C ARG A 223 1.25 11.58 -0.45
N GLU A 224 0.40 12.58 -0.29
CA GLU A 224 -1.02 12.59 -0.74
C GLU A 224 -1.12 12.31 -2.25
N ASP A 225 -0.13 12.75 -3.05
CA ASP A 225 -0.24 12.75 -4.53
C ASP A 225 0.47 11.53 -5.13
N LEU A 226 0.85 10.55 -4.31
CA LEU A 226 1.51 9.29 -4.77
C LEU A 226 0.67 8.07 -4.35
N MET A 227 -0.63 8.24 -4.10
CA MET A 227 -1.56 7.11 -3.80
C MET A 227 -2.85 7.31 -4.59
N TYR A 228 -3.91 7.80 -3.95
CA TYR A 228 -5.29 7.84 -4.49
C TYR A 228 -5.38 8.75 -5.71
N LYS A 229 -5.91 8.22 -6.83
CA LYS A 229 -6.35 9.00 -8.01
C LYS A 229 -7.77 8.58 -8.36
N PRO A 230 -8.75 9.51 -8.38
CA PRO A 230 -10.10 9.20 -8.84
C PRO A 230 -10.04 8.63 -10.26
N PRO A 231 -10.92 7.68 -10.65
CA PRO A 231 -10.89 7.12 -12.00
C PRO A 231 -11.47 8.09 -13.05
N ALA A 232 -10.72 9.17 -13.35
CA ALA A 232 -11.13 10.27 -14.24
C ALA A 232 -10.14 10.46 -15.40
N PHE A 233 -8.96 9.83 -15.36
CA PHE A 233 -7.93 9.96 -16.41
C PHE A 233 -8.38 9.19 -17.66
N ARG A 234 -8.38 9.85 -18.83
CA ARG A 234 -8.97 9.33 -20.09
C ARG A 234 -8.07 8.24 -20.69
N THR A 235 -6.78 8.25 -20.36
CA THR A 235 -5.77 7.27 -20.84
C THR A 235 -4.86 6.86 -19.69
N LEU A 236 -4.23 5.70 -19.82
CA LEU A 236 -3.25 5.18 -18.84
C LEU A 236 -2.03 6.12 -18.81
N SER A 237 -1.62 6.68 -19.96
CA SER A 237 -0.46 7.60 -20.03
C SER A 237 -0.73 8.85 -19.18
N GLU A 238 -1.94 9.41 -19.23
CA GLU A 238 -2.33 10.62 -18.44
C GLU A 238 -2.24 10.31 -16.94
N LEU A 239 -2.66 9.11 -16.49
CA LEU A 239 -2.55 8.66 -15.08
C LEU A 239 -1.07 8.60 -14.65
N VAL A 240 -0.24 7.87 -15.40
CA VAL A 240 1.19 7.63 -15.06
C VAL A 240 1.97 8.95 -15.13
N LEU A 241 1.63 9.85 -16.05
CA LEU A 241 2.31 11.18 -16.20
C LEU A 241 1.94 12.09 -15.02
N ASP A 242 0.75 11.92 -14.44
CA ASP A 242 0.35 12.61 -13.18
C ASP A 242 1.25 12.16 -12.02
N PHE A 243 1.55 10.86 -11.90
CA PHE A 243 2.50 10.31 -10.90
C PHE A 243 3.90 10.90 -11.14
N GLU A 244 4.33 10.92 -12.40
CA GLU A 244 5.68 11.41 -12.80
C GLU A 244 5.82 12.88 -12.40
N ALA A 245 4.78 13.68 -12.64
CA ALA A 245 4.73 15.12 -12.26
C ALA A 245 4.83 15.26 -10.75
N ALA A 246 4.08 14.46 -9.98
CA ALA A 246 4.10 14.45 -8.50
C ALA A 246 5.53 14.18 -8.00
N TYR A 247 6.20 13.20 -8.60
CA TYR A 247 7.62 12.85 -8.28
C TYR A 247 8.54 14.03 -8.61
N GLY A 248 8.37 14.66 -9.78
CA GLY A 248 9.14 15.84 -10.20
C GLY A 248 9.03 16.98 -9.19
N ARG A 249 7.86 17.18 -8.60
CA ARG A 249 7.57 18.27 -7.62
C ARG A 249 8.33 18.02 -6.30
N CYS A 250 8.59 16.76 -5.92
CA CYS A 250 9.40 16.39 -4.72
C CYS A 250 10.80 15.94 -5.16
N TRP A 251 11.24 16.37 -6.36
CA TRP A 251 12.66 16.40 -6.83
C TRP A 251 13.19 14.99 -7.08
N HIS A 252 12.32 14.06 -7.46
CA HIS A 252 12.64 12.67 -7.85
C HIS A 252 12.61 12.57 -9.38
N VAL A 253 13.61 11.93 -9.99
CA VAL A 253 13.57 11.53 -11.43
C VAL A 253 12.90 10.15 -11.52
N LEU A 254 11.90 9.98 -12.39
CA LEU A 254 11.25 8.68 -12.68
C LEU A 254 12.11 7.90 -13.69
N LYS A 255 12.58 6.72 -13.31
CA LYS A 255 13.51 5.86 -14.11
C LYS A 255 12.72 4.76 -14.82
N LYS A 256 11.89 4.02 -14.08
CA LYS A 256 11.15 2.84 -14.59
C LYS A 256 9.70 2.85 -14.07
N VAL A 257 8.78 2.46 -14.95
CA VAL A 257 7.38 2.11 -14.61
C VAL A 257 7.16 0.65 -14.99
N LYS A 258 6.66 -0.16 -14.04
CA LYS A 258 6.38 -1.60 -14.25
C LYS A 258 4.88 -1.77 -14.07
N LEU A 259 4.21 -2.31 -15.10
CA LEU A 259 2.74 -2.42 -15.16
C LEU A 259 2.36 -3.90 -15.25
N GLY A 260 1.44 -4.30 -14.38
CA GLY A 260 0.95 -5.70 -14.31
C GLY A 260 -0.26 -5.90 -15.18
N GLN A 261 -0.73 -7.14 -15.29
CA GLN A 261 -1.98 -7.49 -15.98
C GLN A 261 -3.14 -7.27 -15.01
N SER A 262 -4.36 -7.23 -15.54
CA SER A 262 -5.63 -7.35 -14.78
C SER A 262 -5.51 -8.51 -13.80
N VAL A 263 -5.90 -8.28 -12.54
CA VAL A 263 -5.93 -9.32 -11.47
C VAL A 263 -7.34 -9.94 -11.44
N SER A 264 -7.41 -11.25 -11.29
CA SER A 264 -8.67 -12.03 -11.11
C SER A 264 -9.49 -11.45 -9.95
N HIS A 265 -10.81 -11.38 -10.11
CA HIS A 265 -11.78 -11.03 -9.04
C HIS A 265 -12.08 -12.25 -8.16
N ASP A 266 -11.49 -13.41 -8.47
CA ASP A 266 -11.68 -14.67 -7.68
C ASP A 266 -10.62 -14.72 -6.58
N PRO A 267 -11.00 -14.53 -5.29
CA PRO A 267 -10.02 -14.57 -4.20
C PRO A 267 -9.52 -15.98 -3.87
N HIS A 268 -10.05 -17.02 -4.53
CA HIS A 268 -9.58 -18.43 -4.44
C HIS A 268 -8.78 -18.82 -5.69
N SER A 269 -8.46 -17.87 -6.58
CA SER A 269 -7.60 -18.09 -7.77
C SER A 269 -6.22 -18.59 -7.29
N VAL A 270 -5.66 -19.59 -7.96
CA VAL A 270 -4.30 -20.13 -7.71
C VAL A 270 -3.28 -19.39 -8.59
N GLU A 271 -3.76 -18.53 -9.51
CA GLU A 271 -2.91 -17.71 -10.41
C GLU A 271 -2.08 -16.72 -9.58
N GLN A 272 -0.89 -16.37 -10.08
CA GLN A 272 -0.01 -15.31 -9.52
C GLN A 272 -0.41 -13.96 -10.12
N ILE A 273 -0.06 -12.88 -9.43
CA ILE A 273 -0.13 -11.50 -10.00
C ILE A 273 1.07 -11.35 -10.95
N GLU A 274 0.81 -10.94 -12.19
CA GLU A 274 1.85 -10.56 -13.18
C GLU A 274 2.17 -9.08 -12.94
N TRP A 275 3.29 -8.80 -12.25
CA TRP A 275 3.72 -7.46 -11.78
C TRP A 275 4.43 -6.68 -12.89
N LYS A 276 5.05 -7.39 -13.84
CA LYS A 276 6.01 -6.81 -14.82
C LYS A 276 5.67 -7.24 -16.25
N HIS A 277 4.39 -7.24 -16.63
CA HIS A 277 3.94 -7.51 -18.02
C HIS A 277 4.60 -6.50 -18.97
N SER A 278 4.64 -5.23 -18.56
CA SER A 278 5.38 -4.13 -19.23
C SER A 278 6.35 -3.47 -18.25
N VAL A 279 7.63 -3.43 -18.61
CA VAL A 279 8.70 -2.68 -17.90
C VAL A 279 9.19 -1.58 -18.85
N LEU A 280 8.94 -0.32 -18.50
CA LEU A 280 9.23 0.85 -19.37
C LEU A 280 10.39 1.62 -18.75
N ASP A 281 11.51 1.68 -19.47
CA ASP A 281 12.67 2.53 -19.13
C ASP A 281 12.40 3.92 -19.69
N VAL A 282 11.98 4.85 -18.83
CA VAL A 282 11.44 6.20 -19.19
C VAL A 282 12.49 6.94 -20.03
N GLU A 283 13.75 6.91 -19.59
CA GLU A 283 14.85 7.72 -20.19
C GLU A 283 15.24 7.12 -21.55
N ARG A 284 15.38 5.79 -21.62
CA ARG A 284 15.78 5.06 -22.86
C ARG A 284 14.65 5.18 -23.91
N LEU A 285 13.39 5.27 -23.48
CA LEU A 285 12.23 5.40 -24.40
C LEU A 285 12.15 6.84 -24.91
N GLY A 286 12.23 7.82 -24.00
CA GLY A 286 11.90 9.23 -24.28
C GLY A 286 10.40 9.45 -24.24
N ARG A 287 9.97 10.71 -24.39
CA ARG A 287 8.57 11.20 -24.16
C ARG A 287 7.57 10.42 -25.02
N ASP A 288 7.72 10.44 -26.34
CA ASP A 288 6.72 9.93 -27.31
C ASP A 288 6.58 8.40 -27.16
N ASP A 289 7.70 7.67 -27.13
CA ASP A 289 7.73 6.18 -27.08
C ASP A 289 7.15 5.71 -25.74
N PHE A 290 7.39 6.46 -24.68
CA PHE A 290 6.89 6.19 -23.30
C PHE A 290 5.36 6.22 -23.31
N ARG A 291 4.76 7.24 -23.95
CA ARG A 291 3.29 7.36 -24.13
C ARG A 291 2.78 6.20 -25.00
N LYS A 292 3.48 5.86 -26.09
CA LYS A 292 3.09 4.77 -27.02
C LYS A 292 3.05 3.43 -26.28
N GLU A 293 4.07 3.15 -25.44
CA GLU A 293 4.21 1.87 -24.70
C GLU A 293 3.13 1.79 -23.61
N LEU A 294 2.81 2.91 -22.97
CA LEU A 294 1.75 2.97 -21.93
C LEU A 294 0.40 2.68 -22.61
N GLU A 295 0.14 3.30 -23.76
CA GLU A 295 -1.11 3.08 -24.54
C GLU A 295 -1.15 1.63 -25.02
N ARG A 296 -0.01 1.06 -25.40
CA ARG A 296 0.10 -0.36 -25.84
C ARG A 296 -0.30 -1.28 -24.68
N HIS A 297 0.17 -1.00 -23.46
CA HIS A 297 -0.18 -1.77 -22.25
C HIS A 297 -1.69 -1.66 -21.95
N ALA A 298 -2.28 -0.48 -22.15
CA ALA A 298 -3.73 -0.23 -21.96
C ALA A 298 -4.54 -1.10 -22.92
N ARG A 299 -4.14 -1.21 -24.18
CA ARG A 299 -4.83 -2.03 -25.22
C ARG A 299 -4.69 -3.52 -24.88
N ASP A 300 -3.50 -3.95 -24.46
CA ASP A 300 -3.18 -5.36 -24.09
C ASP A 300 -4.19 -5.83 -23.04
N MET A 301 -4.43 -5.01 -22.02
CA MET A 301 -5.35 -5.32 -20.89
C MET A 301 -6.81 -5.31 -21.37
N ARG A 302 -7.22 -4.31 -22.15
CA ARG A 302 -8.62 -4.14 -22.62
C ARG A 302 -9.04 -5.34 -23.47
N LEU A 303 -8.12 -5.92 -24.25
CA LEU A 303 -8.41 -7.01 -25.23
C LEU A 303 -8.27 -8.40 -24.58
N LYS A 304 -7.52 -8.51 -23.47
CA LYS A 304 -7.32 -9.80 -22.74
C LYS A 304 -8.47 -9.99 -21.74
N SER B 26 -8.97 -14.74 26.50
CA SER B 26 -7.85 -15.41 25.78
C SER B 26 -6.54 -14.67 26.04
N ALA B 27 -5.45 -15.40 26.27
CA ALA B 27 -4.09 -14.86 26.53
C ALA B 27 -3.54 -14.25 25.23
N GLN B 28 -3.74 -14.93 24.10
CA GLN B 28 -3.22 -14.55 22.76
C GLN B 28 -3.89 -13.24 22.28
N GLN B 29 -5.20 -13.09 22.55
CA GLN B 29 -6.02 -11.90 22.22
C GLN B 29 -5.54 -10.69 23.03
N GLU B 30 -5.38 -10.87 24.35
CA GLU B 30 -4.89 -9.82 25.29
C GLU B 30 -3.54 -9.30 24.79
N LEU B 31 -2.69 -10.21 24.30
CA LEU B 31 -1.32 -9.95 23.80
C LEU B 31 -1.38 -9.11 22.52
N LYS B 32 -2.27 -9.45 21.59
CA LYS B 32 -2.46 -8.71 20.32
C LYS B 32 -3.04 -7.32 20.62
N GLN B 33 -3.98 -7.22 21.56
CA GLN B 33 -4.58 -5.93 22.00
C GLN B 33 -3.48 -5.05 22.59
N ARG B 34 -2.67 -5.59 23.51
CA ARG B 34 -1.57 -4.83 24.16
C ARG B 34 -0.56 -4.37 23.09
N GLN B 35 -0.20 -5.25 22.16
CA GLN B 35 0.79 -4.93 21.10
C GLN B 35 0.20 -3.88 20.15
N ARG B 36 -1.07 -4.03 19.76
CA ARG B 36 -1.72 -3.11 18.79
C ARG B 36 -1.70 -1.69 19.35
N ALA B 37 -2.00 -1.53 20.65
CA ALA B 37 -2.06 -0.23 21.34
C ALA B 37 -0.66 0.42 21.36
N GLU B 38 0.39 -0.37 21.57
CA GLU B 38 1.79 0.12 21.61
C GLU B 38 2.23 0.47 20.19
N ILE B 39 1.84 -0.34 19.20
CA ILE B 39 2.17 -0.11 17.76
C ILE B 39 1.61 1.25 17.33
N TYR B 40 0.37 1.60 17.71
CA TYR B 40 -0.27 2.88 17.28
C TYR B 40 0.31 4.06 18.08
N ALA B 41 0.54 3.92 19.37
CA ALA B 41 1.24 4.95 20.18
C ALA B 41 2.62 5.22 19.56
N LEU B 42 3.35 4.17 19.20
CA LEU B 42 4.69 4.28 18.54
C LEU B 42 4.52 4.98 17.19
N ASN B 43 3.54 4.54 16.39
CA ASN B 43 3.35 5.03 15.00
C ASN B 43 3.06 6.53 15.01
N ARG B 44 2.29 7.01 15.98
CA ARG B 44 2.00 8.46 16.17
C ARG B 44 3.33 9.20 16.38
N VAL B 45 4.16 8.72 17.30
CA VAL B 45 5.46 9.35 17.66
C VAL B 45 6.37 9.38 16.43
N MET B 46 6.45 8.27 15.69
CA MET B 46 7.36 8.13 14.51
C MET B 46 6.79 8.90 13.31
N THR B 47 5.46 9.03 13.20
CA THR B 47 4.80 9.87 12.17
C THR B 47 5.18 11.34 12.42
N GLU B 48 5.14 11.78 13.69
CA GLU B 48 5.53 13.15 14.13
C GLU B 48 7.03 13.38 13.89
N LEU B 49 7.86 12.35 14.02
CA LEU B 49 9.33 12.43 13.75
C LEU B 49 9.55 12.66 12.26
N GLU B 50 8.99 11.80 11.40
CA GLU B 50 9.16 11.83 9.92
C GLU B 50 8.56 13.11 9.33
N GLN B 51 7.58 13.70 10.03
CA GLN B 51 6.84 14.94 9.66
C GLN B 51 7.79 16.16 9.77
N GLN B 52 8.83 16.05 10.62
CA GLN B 52 9.91 17.06 10.80
C GLN B 52 11.26 16.42 10.40
N GLN B 53 11.41 16.06 9.12
CA GLN B 53 12.57 15.33 8.54
C GLN B 53 13.88 15.84 9.18
C1 GOL C . -16.35 -1.77 -18.77
O1 GOL C . -16.19 -3.10 -19.27
C2 GOL C . -15.54 -1.57 -17.51
O2 GOL C . -16.18 -0.60 -16.68
C3 GOL C . -14.11 -1.15 -17.79
O3 GOL C . -13.21 -1.67 -16.82
C1 GOL D . -14.26 -6.82 11.41
O1 GOL D . -12.84 -6.92 11.41
C2 GOL D . -14.72 -5.39 11.64
O2 GOL D . -14.69 -5.10 13.03
C3 GOL D . -16.09 -5.12 11.08
O3 GOL D . -16.04 -4.78 9.70
#